data_7BBT
#
_entry.id   7BBT
#
_cell.length_a   120.851
_cell.length_b   70.215
_cell.length_c   70.175
_cell.angle_alpha   90.000
_cell.angle_beta   102.930
_cell.angle_gamma   90.000
#
_symmetry.space_group_name_H-M   'C 1 2 1'
#
loop_
_entity.id
_entity.type
_entity.pdbx_description
1 polymer 'Cytochrome c iso-1'
2 non-polymer 'HEME C'
3 non-polymer 4-[[49,50,51,52,53,54,55,56-octahydroxy-11,17,23,29,35,41,47-heptakis[(4-sulfonatophenyl)methyl]-5-nonacyclo[43.3.1.13,7.19,13.115,19.121,25.127,31.133,37.139,43]hexapentaconta-1(49),3,5,7(56),9,11,13(55),15,17,19(54),21,23,25(53),27,29,31(52),33,35,37(51),39,41,43(50),45,47-tetracosaenyl]methyl]benzenesulfonate
4 non-polymer 'POLYETHYLENE GLYCOL (N=34)'
5 water water
#
_entity_poly.entity_id   1
_entity_poly.type   'polypeptide(L)'
_entity_poly.pdbx_seq_one_letter_code
;AEFKAGSAKKGATLFKTRCLQCHTVEKGGPHKVGPNLHGIFGRHSGQAEGYSYTDANIKKNVLWDENNMSEYLTNPKKYI
PGTKMAFGGLKKEKDRNDLITYLKKATE
;
_entity_poly.pdbx_strand_id   A,B,C,D
#
# COMPACT_ATOMS: atom_id res chain seq x y z
N GLU A 2 3.07 -21.16 8.02
CA GLU A 2 1.79 -21.84 8.22
C GLU A 2 1.46 -22.76 7.08
N PHE A 3 1.53 -22.28 5.78
CA PHE A 3 1.32 -23.26 4.70
C PHE A 3 2.46 -24.31 4.70
N LYS A 4 2.07 -25.57 4.45
CA LYS A 4 2.94 -26.74 4.31
C LYS A 4 2.42 -27.49 3.08
N ALA A 5 3.29 -27.89 2.16
CA ALA A 5 2.87 -28.59 0.94
C ALA A 5 2.20 -29.94 1.21
N GLY A 6 1.35 -30.38 0.30
CA GLY A 6 0.63 -31.64 0.46
C GLY A 6 0.40 -32.38 -0.84
N SER A 7 -0.69 -33.13 -0.92
CA SER A 7 -1.04 -33.91 -2.10
C SER A 7 -1.73 -33.06 -3.16
N ALA A 8 -1.02 -32.79 -4.27
CA ALA A 8 -1.57 -32.03 -5.39
C ALA A 8 -2.68 -32.81 -6.11
N LYS A 9 -2.64 -34.15 -6.06
CA LYS A 9 -3.67 -35.00 -6.65
C LYS A 9 -4.97 -34.82 -5.86
N LYS A 10 -4.89 -34.72 -4.52
CA LYS A 10 -6.07 -34.47 -3.68
C LYS A 10 -6.59 -33.05 -3.88
N GLY A 11 -5.68 -32.09 -3.98
CA GLY A 11 -6.02 -30.70 -4.23
C GLY A 11 -6.71 -30.47 -5.56
N ALA A 12 -6.45 -31.34 -6.53
CA ALA A 12 -7.10 -31.24 -7.82
C ALA A 12 -8.57 -31.61 -7.64
N THR A 13 -8.85 -32.69 -6.88
CA THR A 13 -10.22 -33.15 -6.59
C THR A 13 -10.96 -32.06 -5.81
N LEU A 14 -10.27 -31.43 -4.84
CA LEU A 14 -10.84 -30.36 -4.02
C LEU A 14 -11.17 -29.16 -4.89
N PHE A 15 -10.26 -28.78 -5.81
CA PHE A 15 -10.50 -27.64 -6.68
C PHE A 15 -11.65 -27.92 -7.62
N LYS A 16 -11.66 -29.09 -8.24
CA LYS A 16 -12.69 -29.44 -9.20
C LYS A 16 -14.09 -29.54 -8.59
N THR A 17 -14.17 -29.96 -7.33
CA THR A 17 -15.45 -30.09 -6.64
C THR A 17 -15.92 -28.81 -5.98
N ARG A 18 -14.99 -27.96 -5.51
CA ARG A 18 -15.39 -26.77 -4.77
C ARG A 18 -15.18 -25.45 -5.48
N CYS A 19 -14.27 -25.38 -6.46
CA CYS A 19 -13.95 -24.11 -7.12
C CYS A 19 -14.21 -24.07 -8.62
N LEU A 20 -14.03 -25.17 -9.34
CA LEU A 20 -14.17 -25.23 -10.79
C LEU A 20 -15.48 -24.66 -11.33
N GLN A 21 -16.56 -24.69 -10.53
CA GLN A 21 -17.83 -24.14 -10.96
C GLN A 21 -17.76 -22.62 -11.20
N CYS A 22 -17.00 -21.90 -10.35
CA CYS A 22 -16.86 -20.47 -10.51
C CYS A 22 -15.51 -20.02 -11.08
N HIS A 23 -14.48 -20.89 -11.06
CA HIS A 23 -13.14 -20.49 -11.50
C HIS A 23 -12.47 -21.38 -12.53
N THR A 24 -11.60 -20.79 -13.35
CA THR A 24 -10.77 -21.49 -14.34
C THR A 24 -9.28 -21.23 -14.01
N VAL A 25 -8.38 -22.17 -14.34
CA VAL A 25 -6.96 -22.00 -13.98
C VAL A 25 -6.00 -21.81 -15.14
N GLU A 26 -6.35 -22.31 -16.33
CA GLU A 26 -5.48 -22.24 -17.50
C GLU A 26 -5.14 -20.81 -17.91
N LYS A 27 -3.96 -20.64 -18.54
CA LYS A 27 -3.49 -19.33 -18.99
C LYS A 27 -4.46 -18.78 -20.05
N GLY A 28 -5.12 -17.70 -19.71
CA GLY A 28 -6.08 -17.07 -20.61
C GLY A 28 -7.42 -17.79 -20.68
N GLY A 29 -7.88 -18.28 -19.53
CA GLY A 29 -9.17 -18.96 -19.46
C GLY A 29 -10.32 -17.97 -19.31
N PRO A 30 -11.55 -18.46 -19.45
CA PRO A 30 -12.71 -17.55 -19.32
C PRO A 30 -13.05 -17.23 -17.88
N HIS A 31 -13.67 -16.08 -17.68
CA HIS A 31 -14.10 -15.66 -16.35
C HIS A 31 -15.52 -16.19 -16.14
N LYS A 32 -15.68 -17.28 -15.38
CA LYS A 32 -17.01 -17.82 -15.09
C LYS A 32 -17.72 -16.87 -14.06
N VAL A 33 -18.38 -17.40 -13.00
CA VAL A 33 -18.99 -16.57 -11.97
C VAL A 33 -17.90 -15.75 -11.26
N GLY A 34 -16.77 -16.41 -10.98
CA GLY A 34 -15.58 -15.80 -10.42
C GLY A 34 -14.52 -15.59 -11.51
N PRO A 35 -13.44 -14.88 -11.19
CA PRO A 35 -12.42 -14.58 -12.21
C PRO A 35 -11.50 -15.74 -12.55
N ASN A 36 -10.76 -15.65 -13.66
CA ASN A 36 -9.76 -16.65 -14.01
C ASN A 36 -8.62 -16.51 -13.00
N LEU A 37 -8.08 -17.63 -12.51
CA LEU A 37 -7.05 -17.61 -11.50
C LEU A 37 -5.63 -17.83 -12.01
N HIS A 38 -5.36 -17.69 -13.31
CA HIS A 38 -4.00 -17.88 -13.81
C HIS A 38 -3.10 -16.76 -13.32
N GLY A 39 -1.97 -17.13 -12.73
CA GLY A 39 -1.01 -16.17 -12.18
C GLY A 39 -1.51 -15.46 -10.96
N ILE A 40 -2.41 -16.09 -10.20
CA ILE A 40 -2.97 -15.50 -8.99
C ILE A 40 -1.89 -15.31 -7.94
N PHE A 41 -0.96 -16.27 -7.83
CA PHE A 41 0.13 -16.17 -6.88
C PHE A 41 1.14 -15.14 -7.39
N GLY A 42 1.59 -14.27 -6.49
CA GLY A 42 2.52 -13.20 -6.84
C GLY A 42 1.83 -12.01 -7.50
N ARG A 43 0.50 -11.93 -7.41
CA ARG A 43 -0.26 -10.84 -8.00
C ARG A 43 -1.18 -10.24 -6.94
N HIS A 44 -1.46 -8.94 -7.06
CA HIS A 44 -2.34 -8.26 -6.11
C HIS A 44 -3.80 -8.68 -6.27
N SER A 45 -4.55 -8.62 -5.17
CA SER A 45 -5.96 -9.01 -5.20
C SER A 45 -6.80 -7.99 -5.95
N GLY A 46 -7.44 -8.47 -7.00
CA GLY A 46 -8.28 -7.62 -7.84
C GLY A 46 -7.61 -7.15 -9.11
N GLN A 47 -6.48 -7.79 -9.50
CA GLN A 47 -5.76 -7.39 -10.70
C GLN A 47 -5.88 -8.36 -11.87
N ALA A 48 -7.05 -9.00 -12.04
CA ALA A 48 -7.24 -9.87 -13.19
C ALA A 48 -7.98 -9.07 -14.24
N GLU A 49 -7.44 -9.07 -15.47
CA GLU A 49 -8.03 -8.31 -16.55
C GLU A 49 -9.31 -8.91 -17.09
N GLY A 50 -10.32 -8.06 -17.23
CA GLY A 50 -11.63 -8.45 -17.74
C GLY A 50 -12.66 -8.76 -16.67
N TYR A 51 -12.27 -8.72 -15.38
CA TYR A 51 -13.20 -9.04 -14.31
C TYR A 51 -13.61 -7.84 -13.47
N SER A 52 -14.90 -7.76 -13.13
CA SER A 52 -15.41 -6.70 -12.29
C SER A 52 -15.42 -7.16 -10.83
N TYR A 53 -14.37 -6.81 -10.10
CA TYR A 53 -14.25 -7.16 -8.70
C TYR A 53 -15.10 -6.25 -7.81
N THR A 54 -15.35 -6.67 -6.56
CA THR A 54 -16.07 -5.82 -5.62
C THR A 54 -15.08 -4.76 -5.07
N ASP A 55 -15.61 -3.73 -4.39
CA ASP A 55 -14.80 -2.69 -3.78
C ASP A 55 -13.85 -3.33 -2.74
N ALA A 56 -14.38 -4.24 -1.90
CA ALA A 56 -13.63 -4.95 -0.87
C ALA A 56 -12.44 -5.76 -1.39
N ASN A 57 -12.62 -6.45 -2.52
CA ASN A 57 -11.55 -7.29 -3.07
C ASN A 57 -10.39 -6.45 -3.58
N ILE A 58 -10.66 -5.29 -4.20
CA ILE A 58 -9.59 -4.44 -4.69
C ILE A 58 -8.94 -3.69 -3.54
N LYS A 59 -9.75 -3.20 -2.57
CA LYS A 59 -9.27 -2.45 -1.39
C LYS A 59 -8.36 -3.28 -0.49
N LYS A 60 -8.55 -4.62 -0.46
CA LYS A 60 -7.70 -5.50 0.35
C LYS A 60 -6.25 -5.40 -0.12
N ASN A 61 -6.04 -5.33 -1.45
CA ASN A 61 -4.73 -5.20 -2.10
C ASN A 61 -3.66 -6.13 -1.51
N VAL A 62 -4.05 -7.36 -1.25
CA VAL A 62 -3.15 -8.34 -0.69
C VAL A 62 -2.37 -9.04 -1.83
N LEU A 63 -1.06 -9.16 -1.68
CA LEU A 63 -0.24 -9.84 -2.67
C LEU A 63 -0.38 -11.31 -2.35
N TRP A 64 -1.10 -12.06 -3.18
CA TRP A 64 -1.35 -13.48 -2.92
C TRP A 64 -0.11 -14.36 -2.83
N ASP A 65 -0.10 -15.20 -1.80
CA ASP A 65 0.93 -16.20 -1.51
C ASP A 65 0.28 -17.41 -0.80
N GLU A 66 1.01 -18.51 -0.66
CA GLU A 66 0.48 -19.72 -0.05
C GLU A 66 -0.08 -19.53 1.37
N ASN A 67 0.51 -18.61 2.16
CA ASN A 67 0.08 -18.37 3.52
C ASN A 67 -1.22 -17.58 3.63
N ASN A 68 -1.32 -16.41 2.97
CA ASN A 68 -2.56 -15.62 3.05
C ASN A 68 -3.72 -16.27 2.27
N MET A 69 -3.41 -17.13 1.28
CA MET A 69 -4.44 -17.85 0.55
CA MET A 69 -4.47 -17.82 0.56
C MET A 69 -5.10 -18.87 1.46
N SER A 70 -4.31 -19.53 2.34
CA SER A 70 -4.80 -20.51 3.29
C SER A 70 -5.75 -19.80 4.27
N GLU A 71 -5.40 -18.58 4.72
CA GLU A 71 -6.24 -17.82 5.62
C GLU A 71 -7.53 -17.37 4.90
N TYR A 72 -7.41 -16.98 3.62
CA TYR A 72 -8.54 -16.57 2.81
C TYR A 72 -9.48 -17.73 2.62
N LEU A 73 -8.97 -18.90 2.28
CA LEU A 73 -9.81 -20.06 2.02
C LEU A 73 -10.43 -20.68 3.27
N THR A 74 -9.99 -20.27 4.48
CA THR A 74 -10.62 -20.76 5.70
C THR A 74 -11.98 -20.09 5.86
N ASN A 75 -12.03 -18.78 5.60
CA ASN A 75 -13.25 -18.01 5.73
C ASN A 75 -13.15 -16.79 4.81
N PRO A 76 -13.52 -16.95 3.53
CA PRO A 76 -13.41 -15.83 2.58
C PRO A 76 -14.08 -14.54 3.04
N LYS A 77 -15.26 -14.63 3.68
CA LYS A 77 -15.96 -13.45 4.16
C LYS A 77 -15.23 -12.80 5.31
N LYS A 78 -14.67 -13.58 6.24
CA LYS A 78 -13.95 -13.04 7.39
C LYS A 78 -12.66 -12.36 6.94
N TYR A 79 -11.98 -12.92 5.94
CA TYR A 79 -10.73 -12.36 5.44
C TYR A 79 -10.97 -11.08 4.65
N ILE A 80 -11.86 -11.11 3.66
CA ILE A 80 -12.20 -9.94 2.87
C ILE A 80 -13.69 -9.65 3.07
N PRO A 81 -14.05 -8.87 4.11
CA PRO A 81 -15.47 -8.61 4.37
C PRO A 81 -16.13 -7.85 3.24
N GLY A 82 -17.20 -8.45 2.70
CA GLY A 82 -17.92 -7.88 1.58
C GLY A 82 -17.54 -8.48 0.25
N THR A 83 -16.96 -9.68 0.25
CA THR A 83 -16.57 -10.35 -0.98
C THR A 83 -17.79 -11.01 -1.61
N LYS A 84 -17.95 -10.90 -2.94
CA LYS A 84 -19.07 -11.53 -3.61
C LYS A 84 -18.87 -13.04 -3.81
N MET A 85 -17.69 -13.58 -3.46
CA MET A 85 -17.39 -15.01 -3.56
C MET A 85 -18.25 -15.76 -2.54
N ALA A 86 -19.22 -16.54 -3.03
CA ALA A 86 -20.11 -17.30 -2.18
C ALA A 86 -19.44 -18.62 -1.83
N PHE A 87 -18.69 -18.66 -0.71
CA PHE A 87 -18.00 -19.87 -0.28
C PHE A 87 -17.72 -19.80 1.22
N GLY A 88 -18.17 -20.81 1.95
CA GLY A 88 -17.99 -20.87 3.39
C GLY A 88 -16.54 -21.00 3.78
N GLY A 89 -15.82 -21.89 3.10
CA GLY A 89 -14.41 -22.09 3.37
C GLY A 89 -14.02 -23.52 3.72
N LEU A 90 -12.85 -23.96 3.24
CA LEU A 90 -12.31 -25.26 3.57
C LEU A 90 -11.78 -25.11 5.00
N LYS A 91 -12.46 -25.72 5.98
CA LYS A 91 -12.08 -25.54 7.38
C LYS A 91 -10.92 -26.43 7.83
N LYS A 92 -10.69 -27.56 7.15
CA LYS A 92 -9.59 -28.45 7.50
C LYS A 92 -8.30 -27.89 6.91
N GLU A 93 -7.20 -27.86 7.72
CA GLU A 93 -5.94 -27.31 7.22
C GLU A 93 -5.34 -28.18 6.13
N LYS A 94 -5.44 -29.52 6.27
CA LYS A 94 -4.92 -30.43 5.25
C LYS A 94 -5.61 -30.18 3.90
N ASP A 95 -6.90 -29.80 3.91
CA ASP A 95 -7.65 -29.48 2.70
C ASP A 95 -7.07 -28.25 2.01
N ARG A 96 -6.81 -27.20 2.77
CA ARG A 96 -6.26 -25.96 2.22
C ARG A 96 -4.87 -26.21 1.68
N ASN A 97 -4.05 -26.97 2.42
CA ASN A 97 -2.70 -27.31 1.98
C ASN A 97 -2.70 -28.09 0.66
N ASP A 98 -3.58 -29.10 0.53
CA ASP A 98 -3.68 -29.90 -0.68
C ASP A 98 -4.15 -29.02 -1.86
N LEU A 99 -5.22 -28.24 -1.65
CA LEU A 99 -5.77 -27.37 -2.70
C LEU A 99 -4.76 -26.36 -3.18
N ILE A 100 -4.07 -25.69 -2.25
CA ILE A 100 -3.07 -24.69 -2.61
C ILE A 100 -1.88 -25.31 -3.31
N THR A 101 -1.50 -26.55 -2.94
CA THR A 101 -0.40 -27.27 -3.60
C THR A 101 -0.73 -27.47 -5.07
N TYR A 102 -1.98 -27.86 -5.37
CA TYR A 102 -2.43 -28.04 -6.75
C TYR A 102 -2.51 -26.67 -7.46
N LEU A 103 -3.19 -25.69 -6.82
CA LEU A 103 -3.41 -24.34 -7.34
C LEU A 103 -2.11 -23.62 -7.68
N LYS A 104 -1.03 -23.92 -6.96
CA LYS A 104 0.27 -23.32 -7.23
C LYS A 104 0.79 -23.76 -8.61
N LYS A 105 0.72 -25.06 -8.92
CA LYS A 105 1.18 -25.57 -10.22
C LYS A 105 0.20 -25.26 -11.34
N ALA A 106 -1.10 -25.42 -11.07
CA ALA A 106 -2.15 -25.22 -12.06
C ALA A 106 -2.32 -23.78 -12.53
N THR A 107 -1.81 -22.80 -11.78
CA THR A 107 -1.96 -21.40 -12.14
C THR A 107 -0.66 -20.71 -12.56
N GLU A 108 0.50 -21.37 -12.41
CA GLU A 108 1.76 -20.73 -12.81
C GLU A 108 1.92 -20.67 -14.34
N GLU B 2 -22.94 12.25 -19.70
CA GLU B 2 -23.83 13.42 -19.72
C GLU B 2 -24.55 13.66 -18.39
N PHE B 3 -24.27 14.79 -17.74
CA PHE B 3 -24.78 15.13 -16.42
C PHE B 3 -26.09 15.91 -16.41
N LYS B 4 -26.94 15.61 -15.41
CA LYS B 4 -28.20 16.29 -15.11
C LYS B 4 -28.21 16.47 -13.58
N ALA B 5 -28.54 17.68 -13.08
CA ALA B 5 -28.54 17.92 -11.63
C ALA B 5 -29.57 17.10 -10.86
N GLY B 6 -29.29 16.83 -9.58
CA GLY B 6 -30.16 16.04 -8.72
C GLY B 6 -30.22 16.51 -7.28
N SER B 7 -30.48 15.58 -6.36
CA SER B 7 -30.59 15.89 -4.93
C SER B 7 -29.23 16.02 -4.27
N ALA B 8 -28.86 17.23 -3.87
CA ALA B 8 -27.58 17.47 -3.18
C ALA B 8 -27.57 16.86 -1.77
N LYS B 9 -28.75 16.71 -1.15
CA LYS B 9 -28.90 16.10 0.17
C LYS B 9 -28.57 14.60 0.06
N LYS B 10 -29.06 13.94 -1.01
CA LYS B 10 -28.78 12.53 -1.23
C LYS B 10 -27.32 12.31 -1.61
N GLY B 11 -26.77 13.22 -2.40
CA GLY B 11 -25.37 13.18 -2.82
C GLY B 11 -24.41 13.31 -1.67
N ALA B 12 -24.80 14.06 -0.63
CA ALA B 12 -23.97 14.19 0.56
C ALA B 12 -23.89 12.83 1.27
N THR B 13 -25.02 12.09 1.33
CA THR B 13 -25.06 10.76 1.93
C THR B 13 -24.19 9.79 1.13
N LEU B 14 -24.22 9.89 -0.21
CA LEU B 14 -23.42 9.05 -1.10
C LEU B 14 -21.94 9.35 -0.91
N PHE B 15 -21.60 10.65 -0.81
CA PHE B 15 -20.21 11.03 -0.63
C PHE B 15 -19.71 10.56 0.73
N LYS B 16 -20.48 10.77 1.78
CA LYS B 16 -20.07 10.40 3.12
C LYS B 16 -19.92 8.89 3.31
N THR B 17 -20.72 8.10 2.60
CA THR B 17 -20.65 6.64 2.70
C THR B 17 -19.63 6.00 1.79
N ARG B 18 -19.38 6.60 0.60
CA ARG B 18 -18.50 5.98 -0.38
C ARG B 18 -17.16 6.69 -0.59
N CYS B 19 -17.06 7.98 -0.28
CA CYS B 19 -15.83 8.73 -0.56
C CYS B 19 -15.14 9.31 0.67
N LEU B 20 -15.90 9.75 1.68
CA LEU B 20 -15.35 10.40 2.88
C LEU B 20 -14.20 9.65 3.55
N GLN B 21 -14.16 8.31 3.43
CA GLN B 21 -13.07 7.54 4.03
C GLN B 21 -11.72 7.89 3.41
N CYS B 22 -11.68 8.16 2.10
CA CYS B 22 -10.43 8.51 1.44
C CYS B 22 -10.31 10.00 1.06
N HIS B 23 -11.42 10.76 1.05
CA HIS B 23 -11.39 12.15 0.60
C HIS B 23 -12.00 13.18 1.53
N THR B 24 -11.51 14.43 1.47
CA THR B 24 -12.05 15.58 2.21
C THR B 24 -12.45 16.66 1.20
N VAL B 25 -13.47 17.50 1.51
CA VAL B 25 -13.94 18.51 0.56
C VAL B 25 -13.68 19.95 0.92
N GLU B 26 -13.56 20.26 2.22
CA GLU B 26 -13.37 21.62 2.70
C GLU B 26 -12.11 22.28 2.17
N LYS B 27 -12.14 23.62 2.05
CA LYS B 27 -11.00 24.39 1.56
C LYS B 27 -9.81 24.21 2.51
N GLY B 28 -8.76 23.58 2.00
CA GLY B 28 -7.56 23.32 2.79
C GLY B 28 -7.71 22.18 3.77
N GLY B 29 -8.39 21.13 3.34
CA GLY B 29 -8.56 19.95 4.18
C GLY B 29 -7.37 19.00 4.07
N PRO B 30 -7.31 18.00 4.95
CA PRO B 30 -6.17 17.06 4.90
C PRO B 30 -6.28 16.02 3.80
N HIS B 31 -5.14 15.52 3.34
CA HIS B 31 -5.12 14.49 2.31
C HIS B 31 -5.15 13.15 3.00
N LYS B 32 -6.31 12.48 3.02
CA LYS B 32 -6.42 11.15 3.64
C LYS B 32 -5.74 10.10 2.70
N VAL B 33 -6.34 8.92 2.45
CA VAL B 33 -5.80 7.93 1.51
C VAL B 33 -5.73 8.56 0.10
N GLY B 34 -6.78 9.28 -0.27
CA GLY B 34 -6.89 10.06 -1.49
C GLY B 34 -6.68 11.53 -1.22
N PRO B 35 -6.56 12.35 -2.28
CA PRO B 35 -6.29 13.78 -2.08
C PRO B 35 -7.49 14.61 -1.65
N ASN B 36 -7.25 15.84 -1.17
CA ASN B 36 -8.33 16.75 -0.84
C ASN B 36 -8.97 17.19 -2.16
N LEU B 37 -10.30 17.24 -2.21
CA LEU B 37 -11.00 17.56 -3.44
C LEU B 37 -11.51 18.99 -3.56
N HIS B 38 -11.00 19.95 -2.75
CA HIS B 38 -11.46 21.33 -2.86
C HIS B 38 -10.97 21.93 -4.18
N GLY B 39 -11.91 22.52 -4.92
CA GLY B 39 -11.67 23.13 -6.21
C GLY B 39 -11.35 22.14 -7.31
N ILE B 40 -11.81 20.89 -7.15
CA ILE B 40 -11.54 19.84 -8.13
C ILE B 40 -12.14 20.19 -9.49
N PHE B 41 -13.33 20.80 -9.50
CA PHE B 41 -13.97 21.21 -10.74
C PHE B 41 -13.26 22.42 -11.31
N GLY B 42 -13.02 22.40 -12.61
CA GLY B 42 -12.27 23.47 -13.27
C GLY B 42 -10.77 23.38 -13.07
N ARG B 43 -10.27 22.23 -12.60
CA ARG B 43 -8.85 22.03 -12.36
C ARG B 43 -8.38 20.76 -13.07
N HIS B 44 -7.12 20.72 -13.50
CA HIS B 44 -6.60 19.53 -14.15
C HIS B 44 -6.44 18.36 -13.19
N SER B 45 -6.47 17.14 -13.74
CA SER B 45 -6.32 15.95 -12.92
C SER B 45 -4.87 15.76 -12.49
N GLY B 46 -4.67 15.75 -11.18
CA GLY B 46 -3.35 15.59 -10.61
C GLY B 46 -2.71 16.89 -10.17
N GLN B 47 -3.50 17.97 -10.03
CA GLN B 47 -2.95 19.26 -9.64
C GLN B 47 -3.32 19.71 -8.23
N ALA B 48 -3.38 18.76 -7.27
CA ALA B 48 -3.64 19.13 -5.88
C ALA B 48 -2.31 19.16 -5.15
N GLU B 49 -2.03 20.27 -4.46
CA GLU B 49 -0.77 20.43 -3.75
C GLU B 49 -0.65 19.59 -2.49
N GLY B 50 0.48 18.91 -2.36
CA GLY B 50 0.77 18.05 -1.22
C GLY B 50 0.46 16.58 -1.45
N TYR B 51 -0.11 16.22 -2.62
CA TYR B 51 -0.46 14.84 -2.89
C TYR B 51 0.40 14.18 -3.95
N SER B 52 0.81 12.93 -3.71
CA SER B 52 1.58 12.15 -4.65
C SER B 52 0.65 11.32 -5.53
N TYR B 53 0.33 11.84 -6.70
CA TYR B 53 -0.53 11.14 -7.65
C TYR B 53 0.22 10.03 -8.39
N THR B 54 -0.53 9.10 -9.02
CA THR B 54 0.10 8.07 -9.85
C THR B 54 0.48 8.69 -11.22
N ASP B 55 1.27 7.96 -12.02
CA ASP B 55 1.66 8.39 -13.36
C ASP B 55 0.41 8.59 -14.22
N ALA B 56 -0.52 7.61 -14.17
CA ALA B 56 -1.76 7.62 -14.92
C ALA B 56 -2.67 8.80 -14.62
N ASN B 57 -2.79 9.19 -13.35
CA ASN B 57 -3.66 10.31 -12.98
C ASN B 57 -3.16 11.64 -13.51
N ILE B 58 -1.83 11.87 -13.51
CA ILE B 58 -1.28 13.12 -14.03
C ILE B 58 -1.30 13.11 -15.55
N LYS B 59 -0.95 11.95 -16.16
CA LYS B 59 -0.93 11.79 -17.62
C LYS B 59 -2.29 11.99 -18.28
N LYS B 60 -3.38 11.67 -17.56
CA LYS B 60 -4.74 11.85 -18.09
C LYS B 60 -5.00 13.32 -18.39
N ASN B 61 -4.51 14.23 -17.51
CA ASN B 61 -4.61 15.68 -17.62
C ASN B 61 -6.00 16.16 -18.05
N VAL B 62 -7.04 15.56 -17.49
CA VAL B 62 -8.41 15.90 -17.83
C VAL B 62 -8.86 17.08 -16.99
N LEU B 63 -9.43 18.11 -17.63
CA LEU B 63 -9.93 19.27 -16.91
C LEU B 63 -11.29 18.80 -16.36
N TRP B 64 -11.41 18.60 -15.03
CA TRP B 64 -12.63 18.09 -14.42
C TRP B 64 -13.85 18.98 -14.59
N ASP B 65 -14.96 18.35 -14.93
CA ASP B 65 -16.28 18.93 -15.11
C ASP B 65 -17.36 17.89 -14.75
N GLU B 66 -18.62 18.30 -14.62
CA GLU B 66 -19.71 17.41 -14.25
C GLU B 66 -19.86 16.19 -15.17
N ASN B 67 -19.57 16.35 -16.46
CA ASN B 67 -19.72 15.27 -17.44
C ASN B 67 -18.63 14.21 -17.36
N ASN B 68 -17.34 14.60 -17.40
CA ASN B 68 -16.26 13.62 -17.31
C ASN B 68 -16.12 13.01 -15.90
N MET B 69 -16.62 13.72 -14.86
CA MET B 69 -16.60 13.19 -13.50
CA MET B 69 -16.57 13.15 -13.52
C MET B 69 -17.60 12.04 -13.39
N SER B 70 -18.76 12.16 -14.07
CA SER B 70 -19.79 11.13 -14.08
C SER B 70 -19.21 9.88 -14.76
N GLU B 71 -18.46 10.04 -15.86
CA GLU B 71 -17.83 8.94 -16.56
C GLU B 71 -16.73 8.31 -15.70
N TYR B 72 -15.96 9.13 -14.99
CA TYR B 72 -14.91 8.68 -14.09
C TYR B 72 -15.50 7.88 -12.96
N LEU B 73 -16.58 8.38 -12.33
CA LEU B 73 -17.18 7.69 -11.21
C LEU B 73 -17.96 6.45 -11.57
N THR B 74 -18.22 6.20 -12.86
CA THR B 74 -18.88 4.96 -13.26
C THR B 74 -17.88 3.82 -13.15
N ASN B 75 -16.64 4.05 -13.60
CA ASN B 75 -15.60 3.05 -13.56
C ASN B 75 -14.25 3.74 -13.52
N PRO B 76 -13.77 4.10 -12.32
CA PRO B 76 -12.49 4.81 -12.22
C PRO B 76 -11.32 4.13 -12.92
N LYS B 77 -11.23 2.81 -12.84
CA LYS B 77 -10.16 2.05 -13.50
C LYS B 77 -10.27 2.11 -15.02
N LYS B 78 -11.49 1.97 -15.56
CA LYS B 78 -11.70 2.02 -17.01
C LYS B 78 -11.39 3.41 -17.56
N TYR B 79 -11.74 4.46 -16.81
CA TYR B 79 -11.50 5.83 -17.24
C TYR B 79 -10.02 6.20 -17.18
N ILE B 80 -9.37 5.99 -16.04
CA ILE B 80 -7.94 6.26 -15.87
C ILE B 80 -7.26 4.93 -15.53
N PRO B 81 -6.84 4.16 -16.54
CA PRO B 81 -6.21 2.86 -16.28
C PRO B 81 -4.92 2.99 -15.49
N GLY B 82 -4.87 2.34 -14.34
CA GLY B 82 -3.71 2.39 -13.45
C GLY B 82 -3.86 3.38 -12.31
N THR B 83 -5.11 3.73 -11.97
CA THR B 83 -5.34 4.66 -10.86
C THR B 83 -5.24 3.91 -9.53
N LYS B 84 -4.60 4.52 -8.53
CA LYS B 84 -4.51 3.89 -7.21
C LYS B 84 -5.80 4.00 -6.40
N MET B 85 -6.82 4.74 -6.91
CA MET B 85 -8.12 4.88 -6.27
C MET B 85 -8.85 3.54 -6.31
N ALA B 86 -9.00 2.91 -5.14
CA ALA B 86 -9.67 1.62 -5.07
C ALA B 86 -11.16 1.85 -4.93
N PHE B 87 -11.87 1.87 -6.07
CA PHE B 87 -13.31 2.09 -6.10
C PHE B 87 -13.91 1.52 -7.39
N GLY B 88 -14.89 0.64 -7.24
CA GLY B 88 -15.55 0.00 -8.38
C GLY B 88 -16.31 0.99 -9.23
N GLY B 89 -17.06 1.85 -8.56
CA GLY B 89 -17.83 2.88 -9.25
C GLY B 89 -19.31 2.86 -8.96
N LEU B 90 -19.91 4.06 -8.86
CA LEU B 90 -21.35 4.22 -8.69
C LEU B 90 -21.93 3.91 -10.06
N LYS B 91 -22.58 2.75 -10.20
CA LYS B 91 -23.10 2.33 -11.49
C LYS B 91 -24.44 2.96 -11.86
N LYS B 92 -25.22 3.41 -10.86
CA LYS B 92 -26.50 4.04 -11.15
C LYS B 92 -26.26 5.50 -11.55
N GLU B 93 -26.91 5.97 -12.61
CA GLU B 93 -26.71 7.34 -13.08
C GLU B 93 -27.25 8.35 -12.07
N LYS B 94 -28.41 8.05 -11.46
CA LYS B 94 -28.99 8.96 -10.46
C LYS B 94 -28.03 9.17 -9.28
N ASP B 95 -27.26 8.12 -8.91
CA ASP B 95 -26.27 8.20 -7.84
C ASP B 95 -25.14 9.16 -8.19
N ARG B 96 -24.62 9.07 -9.42
CA ARG B 96 -23.55 9.94 -9.87
C ARG B 96 -24.05 11.37 -9.96
N ASN B 97 -25.26 11.57 -10.49
CA ASN B 97 -25.84 12.89 -10.60
C ASN B 97 -26.04 13.54 -9.23
N ASP B 98 -26.51 12.76 -8.24
CA ASP B 98 -26.74 13.28 -6.90
C ASP B 98 -25.42 13.61 -6.24
N LEU B 99 -24.44 12.69 -6.32
CA LEU B 99 -23.14 12.90 -5.72
C LEU B 99 -22.43 14.11 -6.31
N ILE B 100 -22.44 14.25 -7.64
CA ILE B 100 -21.79 15.37 -8.31
C ILE B 100 -22.49 16.68 -7.99
N THR B 101 -23.82 16.67 -7.82
CA THR B 101 -24.58 17.87 -7.44
C THR B 101 -24.09 18.39 -6.09
N TYR B 102 -23.87 17.48 -5.13
CA TYR B 102 -23.35 17.85 -3.83
C TYR B 102 -21.88 18.28 -3.97
N LEU B 103 -21.05 17.45 -4.62
CA LEU B 103 -19.63 17.69 -4.80
C LEU B 103 -19.33 19.03 -5.46
N LYS B 104 -20.22 19.51 -6.32
CA LYS B 104 -20.05 20.78 -6.99
C LYS B 104 -20.09 21.93 -5.97
N LYS B 105 -21.07 21.93 -5.06
CA LYS B 105 -21.19 22.95 -4.03
C LYS B 105 -20.18 22.78 -2.90
N ALA B 106 -19.98 21.54 -2.46
CA ALA B 106 -19.08 21.21 -1.36
C ALA B 106 -17.60 21.46 -1.65
N THR B 107 -17.22 21.58 -2.92
CA THR B 107 -15.82 21.79 -3.25
C THR B 107 -15.51 23.15 -3.84
N GLU B 108 -16.52 23.98 -4.14
CA GLU B 108 -16.26 25.32 -4.71
C GLU B 108 -15.68 26.28 -3.68
N GLU C 2 4.33 -13.67 4.23
CA GLU C 2 5.39 -14.62 3.88
C GLU C 2 6.72 -14.27 4.58
N PHE C 3 7.01 -14.89 5.74
CA PHE C 3 8.16 -14.57 6.58
C PHE C 3 9.45 -15.29 6.28
N LYS C 4 10.57 -14.57 6.41
CA LYS C 4 11.94 -15.06 6.28
C LYS C 4 12.72 -14.42 7.45
N ALA C 5 13.51 -15.20 8.21
CA ALA C 5 14.24 -14.66 9.36
C ALA C 5 15.29 -13.61 8.99
N GLY C 6 15.61 -12.73 9.94
CA GLY C 6 16.59 -11.66 9.72
C GLY C 6 17.42 -11.30 10.95
N SER C 7 17.80 -10.03 11.08
CA SER C 7 18.63 -9.53 12.19
C SER C 7 17.81 -9.26 13.44
N ALA C 8 18.05 -10.03 14.52
CA ALA C 8 17.35 -9.81 15.79
C ALA C 8 17.88 -8.59 16.56
N LYS C 9 19.12 -8.20 16.29
CA LYS C 9 19.76 -7.03 16.87
C LYS C 9 19.05 -5.78 16.33
N LYS C 10 18.80 -5.74 15.01
CA LYS C 10 18.11 -4.61 14.37
C LYS C 10 16.63 -4.59 14.78
N GLY C 11 16.03 -5.78 14.90
CA GLY C 11 14.65 -5.97 15.33
C GLY C 11 14.40 -5.48 16.74
N ALA C 12 15.42 -5.56 17.60
CA ALA C 12 15.34 -5.05 18.96
C ALA C 12 15.22 -3.51 18.91
N THR C 13 16.00 -2.87 18.02
CA THR C 13 15.94 -1.43 17.84
C THR C 13 14.60 -1.01 17.22
N LEU C 14 14.07 -1.83 16.30
CA LEU C 14 12.79 -1.54 15.66
C LEU C 14 11.66 -1.65 16.66
N PHE C 15 11.70 -2.67 17.53
CA PHE C 15 10.67 -2.85 18.54
C PHE C 15 10.74 -1.72 19.55
N LYS C 16 11.94 -1.36 20.01
CA LYS C 16 12.10 -0.33 21.02
C LYS C 16 11.68 1.06 20.51
N THR C 17 11.84 1.31 19.22
CA THR C 17 11.47 2.60 18.63
C THR C 17 10.01 2.69 18.19
N ARG C 18 9.42 1.57 17.78
CA ARG C 18 8.06 1.61 17.27
C ARG C 18 7.00 0.97 18.15
N CYS C 19 7.38 0.04 19.03
CA CYS C 19 6.39 -0.69 19.83
C CYS C 19 6.52 -0.53 21.33
N LEU C 20 7.74 -0.39 21.86
CA LEU C 20 7.99 -0.30 23.31
C LEU C 20 7.14 0.73 24.05
N GLN C 21 6.72 1.80 23.37
CA GLN C 21 5.88 2.80 24.01
C GLN C 21 4.53 2.23 24.46
N CYS C 22 3.96 1.32 23.67
CA CYS C 22 2.68 0.71 24.01
C CYS C 22 2.77 -0.74 24.47
N HIS C 23 3.89 -1.43 24.22
CA HIS C 23 3.99 -2.86 24.56
C HIS C 23 5.22 -3.28 25.37
N THR C 24 5.07 -4.36 26.15
CA THR C 24 6.15 -4.99 26.92
C THR C 24 6.28 -6.46 26.46
N VAL C 25 7.49 -7.05 26.53
CA VAL C 25 7.69 -8.41 26.04
C VAL C 25 8.01 -9.46 27.10
N GLU C 26 8.58 -9.05 28.24
CA GLU C 26 8.97 -9.97 29.31
C GLU C 26 7.81 -10.77 29.89
N LYS C 27 8.12 -11.98 30.40
CA LYS C 27 7.11 -12.85 30.99
C LYS C 27 6.49 -12.18 32.20
N GLY C 28 5.21 -11.86 32.11
CA GLY C 28 4.50 -11.20 33.19
C GLY C 28 4.80 -9.72 33.31
N GLY C 29 4.92 -9.05 32.17
CA GLY C 29 5.16 -7.62 32.14
C GLY C 29 3.87 -6.83 32.27
N PRO C 30 3.96 -5.52 32.47
CA PRO C 30 2.75 -4.71 32.62
C PRO C 30 2.08 -4.38 31.29
N HIS C 31 0.78 -4.16 31.33
CA HIS C 31 0.02 -3.80 30.14
C HIS C 31 0.05 -2.28 30.00
N LYS C 32 0.89 -1.74 29.11
CA LYS C 32 0.95 -0.29 28.90
C LYS C 32 -0.33 0.14 28.11
N VAL C 33 -0.22 1.00 27.07
CA VAL C 33 -1.37 1.38 26.24
C VAL C 33 -1.93 0.12 25.55
N GLY C 34 -1.03 -0.71 25.05
CA GLY C 34 -1.32 -2.01 24.46
C GLY C 34 -1.01 -3.13 25.43
N PRO C 35 -1.41 -4.36 25.10
CA PRO C 35 -1.19 -5.47 26.03
C PRO C 35 0.23 -5.99 26.09
N ASN C 36 0.55 -6.79 27.11
CA ASN C 36 1.85 -7.44 27.20
C ASN C 36 1.88 -8.52 26.10
N LEU C 37 3.00 -8.64 25.39
CA LEU C 37 3.11 -9.57 24.28
C LEU C 37 3.84 -10.88 24.58
N HIS C 38 4.02 -11.26 25.86
CA HIS C 38 4.69 -12.52 26.17
C HIS C 38 3.82 -13.70 25.76
N GLY C 39 4.41 -14.61 24.98
CA GLY C 39 3.76 -15.80 24.46
C GLY C 39 2.71 -15.51 23.40
N ILE C 40 2.86 -14.37 22.69
CA ILE C 40 1.92 -13.95 21.65
C ILE C 40 1.89 -14.96 20.50
N PHE C 41 3.05 -15.53 20.16
CA PHE C 41 3.11 -16.53 19.10
C PHE C 41 2.54 -17.85 19.60
N GLY C 42 1.72 -18.48 18.79
CA GLY C 42 1.05 -19.71 19.17
C GLY C 42 -0.16 -19.49 20.07
N ARG C 43 -0.65 -18.26 20.17
CA ARG C 43 -1.80 -17.91 20.99
C ARG C 43 -2.82 -17.16 20.15
N HIS C 44 -4.11 -17.32 20.45
CA HIS C 44 -5.16 -16.63 19.71
C HIS C 44 -5.16 -15.13 20.01
N SER C 45 -5.65 -14.35 19.05
CA SER C 45 -5.71 -12.90 19.20
C SER C 45 -6.78 -12.48 20.19
N GLY C 46 -6.36 -11.80 21.23
CA GLY C 46 -7.26 -11.33 22.27
C GLY C 46 -7.27 -12.20 23.52
N GLN C 47 -6.26 -13.08 23.69
CA GLN C 47 -6.22 -13.97 24.84
C GLN C 47 -5.14 -13.63 25.88
N ALA C 48 -4.86 -12.33 26.08
CA ALA C 48 -3.89 -11.94 27.11
C ALA C 48 -4.68 -11.56 28.35
N GLU C 49 -4.31 -12.14 29.50
CA GLU C 49 -5.01 -11.89 30.75
C GLU C 49 -4.75 -10.51 31.33
N GLY C 50 -5.83 -9.83 31.69
CA GLY C 50 -5.77 -8.50 32.26
C GLY C 50 -5.97 -7.37 31.28
N TYR C 51 -6.11 -7.68 29.98
CA TYR C 51 -6.27 -6.63 28.98
C TYR C 51 -7.66 -6.57 28.38
N SER C 52 -8.18 -5.35 28.21
CA SER C 52 -9.48 -5.14 27.59
C SER C 52 -9.31 -4.90 26.09
N TYR C 53 -9.45 -5.97 25.30
CA TYR C 53 -9.33 -5.88 23.86
C TYR C 53 -10.59 -5.30 23.21
N THR C 54 -10.49 -4.84 21.96
CA THR C 54 -11.67 -4.37 21.23
C THR C 54 -12.46 -5.58 20.72
N ASP C 55 -13.69 -5.35 20.24
CA ASP C 55 -14.53 -6.41 19.68
C ASP C 55 -13.83 -7.04 18.46
N ALA C 56 -13.27 -6.20 17.59
CA ALA C 56 -12.56 -6.64 16.38
C ALA C 56 -11.36 -7.53 16.65
N ASN C 57 -10.56 -7.21 17.68
CA ASN C 57 -9.37 -8.00 18.00
C ASN C 57 -9.72 -9.40 18.48
N ILE C 58 -10.79 -9.53 19.29
CA ILE C 58 -11.20 -10.86 19.77
C ILE C 58 -11.88 -11.64 18.66
N LYS C 59 -12.74 -10.97 17.86
CA LYS C 59 -13.48 -11.58 16.77
C LYS C 59 -12.59 -12.11 15.66
N LYS C 60 -11.40 -11.51 15.46
CA LYS C 60 -10.46 -11.97 14.44
C LYS C 60 -10.03 -13.41 14.74
N ASN C 61 -9.81 -13.73 16.03
CA ASN C 61 -9.43 -15.04 16.53
C ASN C 61 -8.33 -15.71 15.72
N VAL C 62 -7.33 -14.92 15.32
CA VAL C 62 -6.22 -15.43 14.52
C VAL C 62 -5.16 -16.03 15.43
N LEU C 63 -4.70 -17.23 15.11
CA LEU C 63 -3.64 -17.87 15.89
C LEU C 63 -2.35 -17.26 15.37
N TRP C 64 -1.72 -16.40 16.17
CA TRP C 64 -0.52 -15.70 15.75
C TRP C 64 0.66 -16.59 15.39
N ASP C 65 1.28 -16.25 14.27
CA ASP C 65 2.48 -16.88 13.71
C ASP C 65 3.30 -15.82 12.94
N GLU C 66 4.53 -16.15 12.57
CA GLU C 66 5.41 -15.24 11.87
C GLU C 66 4.81 -14.66 10.57
N ASN C 67 4.00 -15.46 9.85
CA ASN C 67 3.42 -15.03 8.57
C ASN C 67 2.27 -14.04 8.73
N ASN C 68 1.26 -14.35 9.55
CA ASN C 68 0.13 -13.43 9.74
C ASN C 68 0.52 -12.19 10.55
N MET C 69 1.59 -12.28 11.37
CA MET C 69 2.09 -11.12 12.12
CA MET C 69 2.04 -11.10 12.12
C MET C 69 2.70 -10.11 11.15
N SER C 70 3.40 -10.60 10.11
CA SER C 70 4.02 -9.74 9.11
C SER C 70 2.92 -9.00 8.35
N GLU C 71 1.80 -9.68 8.02
CA GLU C 71 0.66 -9.07 7.35
C GLU C 71 -0.02 -8.05 8.26
N TYR C 72 -0.14 -8.38 9.55
CA TYR C 72 -0.74 -7.50 10.54
C TYR C 72 0.09 -6.24 10.68
N LEU C 73 1.42 -6.39 10.81
CA LEU C 73 2.29 -5.24 11.00
C LEU C 73 2.48 -4.38 9.75
N THR C 74 2.04 -4.84 8.57
CA THR C 74 2.12 -4.01 7.38
C THR C 74 1.03 -2.94 7.47
N ASN C 75 -0.17 -3.32 7.91
CA ASN C 75 -1.29 -2.39 8.03
C ASN C 75 -2.24 -2.93 9.08
N PRO C 76 -2.01 -2.61 10.35
CA PRO C 76 -2.86 -3.14 11.43
C PRO C 76 -4.36 -2.89 11.24
N LYS C 77 -4.73 -1.70 10.74
CA LYS C 77 -6.13 -1.38 10.51
C LYS C 77 -6.71 -2.21 9.37
N LYS C 78 -5.96 -2.40 8.28
CA LYS C 78 -6.45 -3.19 7.14
C LYS C 78 -6.63 -4.66 7.53
N TYR C 79 -5.72 -5.18 8.36
CA TYR C 79 -5.78 -6.58 8.78
C TYR C 79 -6.93 -6.81 9.78
N ILE C 80 -7.00 -6.02 10.85
CA ILE C 80 -8.08 -6.13 11.83
C ILE C 80 -8.82 -4.80 11.85
N PRO C 81 -9.84 -4.62 10.98
CA PRO C 81 -10.56 -3.35 10.94
C PRO C 81 -11.28 -3.03 12.24
N GLY C 82 -10.95 -1.90 12.83
CA GLY C 82 -11.52 -1.49 14.09
C GLY C 82 -10.61 -1.75 15.27
N THR C 83 -9.31 -1.91 15.03
CA THR C 83 -8.36 -2.16 16.11
C THR C 83 -8.01 -0.82 16.77
N LYS C 84 -7.94 -0.79 18.12
CA LYS C 84 -7.56 0.44 18.81
C LYS C 84 -6.06 0.71 18.77
N MET C 85 -5.25 -0.22 18.20
CA MET C 85 -3.80 -0.06 18.03
C MET C 85 -3.53 1.04 17.02
N ALA C 86 -3.01 2.18 17.50
CA ALA C 86 -2.73 3.31 16.62
C ALA C 86 -1.34 3.14 16.06
N PHE C 87 -1.24 2.52 14.87
CA PHE C 87 0.04 2.27 14.20
C PHE C 87 -0.18 2.09 12.70
N GLY C 88 0.52 2.89 11.90
CA GLY C 88 0.41 2.87 10.45
C GLY C 88 0.87 1.56 9.86
N GLY C 89 2.02 1.11 10.32
CA GLY C 89 2.59 -0.14 9.88
C GLY C 89 3.98 -0.05 9.31
N LEU C 90 4.82 -1.03 9.62
CA LEU C 90 6.18 -1.12 9.08
C LEU C 90 5.99 -1.56 7.64
N LYS C 91 6.15 -0.66 6.67
CA LYS C 91 5.90 -0.99 5.27
C LYS C 91 7.04 -1.76 4.60
N LYS C 92 8.27 -1.66 5.12
CA LYS C 92 9.41 -2.40 4.56
C LYS C 92 9.38 -3.86 5.02
N GLU C 93 9.49 -4.84 4.10
CA GLU C 93 9.46 -6.25 4.48
C GLU C 93 10.62 -6.63 5.36
N LYS C 94 11.84 -6.11 5.04
CA LYS C 94 13.02 -6.41 5.84
C LYS C 94 12.83 -6.00 7.30
N ASP C 95 12.11 -4.88 7.53
CA ASP C 95 11.81 -4.35 8.86
C ASP C 95 10.88 -5.27 9.64
N ARG C 96 9.84 -5.78 8.98
CA ARG C 96 8.92 -6.71 9.63
C ARG C 96 9.64 -8.01 9.94
N ASN C 97 10.47 -8.49 9.01
CA ASN C 97 11.24 -9.71 9.22
C ASN C 97 12.21 -9.57 10.40
N ASP C 98 12.92 -8.43 10.49
CA ASP C 98 13.86 -8.16 11.58
C ASP C 98 13.13 -8.04 12.90
N LEU C 99 12.02 -7.28 12.94
CA LEU C 99 11.23 -7.10 14.17
C LEU C 99 10.65 -8.42 14.67
N ILE C 100 10.04 -9.21 13.77
CA ILE C 100 9.44 -10.50 14.14
C ILE C 100 10.50 -11.49 14.59
N THR C 101 11.71 -11.45 14.00
CA THR C 101 12.81 -12.32 14.40
C THR C 101 13.17 -12.05 15.88
N TYR C 102 13.21 -10.77 16.27
CA TYR C 102 13.49 -10.41 17.65
C TYR C 102 12.30 -10.80 18.53
N LEU C 103 11.08 -10.39 18.12
CA LEU C 103 9.84 -10.64 18.84
C LEU C 103 9.59 -12.12 19.12
N LYS C 104 10.07 -13.00 18.25
CA LYS C 104 9.92 -14.43 18.45
C LYS C 104 10.72 -14.89 19.67
N LYS C 105 11.98 -14.46 19.80
CA LYS C 105 12.81 -14.84 20.94
C LYS C 105 12.44 -14.08 22.21
N ALA C 106 12.16 -12.77 22.08
CA ALA C 106 11.83 -11.90 23.20
C ALA C 106 10.51 -12.19 23.87
N THR C 107 9.62 -12.95 23.21
CA THR C 107 8.32 -13.25 23.81
C THR C 107 8.12 -14.73 24.16
N GLU C 108 9.05 -15.63 23.78
CA GLU C 108 8.89 -17.03 24.12
C GLU C 108 9.14 -17.31 25.61
N GLU D 2 32.43 20.67 -8.97
CA GLU D 2 33.83 20.22 -8.91
C GLU D 2 34.06 19.23 -7.74
N PHE D 3 33.36 18.10 -7.79
CA PHE D 3 33.31 17.00 -6.82
C PHE D 3 34.64 16.32 -6.54
N LYS D 4 34.83 15.92 -5.27
CA LYS D 4 35.96 15.15 -4.76
C LYS D 4 35.35 14.09 -3.84
N ALA D 5 35.74 12.81 -3.98
CA ALA D 5 35.16 11.74 -3.15
C ALA D 5 35.46 11.89 -1.66
N GLY D 6 34.58 11.34 -0.82
CA GLY D 6 34.73 11.45 0.63
C GLY D 6 34.30 10.20 1.38
N SER D 7 33.81 10.37 2.62
CA SER D 7 33.36 9.25 3.45
C SER D 7 31.96 8.81 3.10
N ALA D 8 31.83 7.62 2.51
CA ALA D 8 30.51 7.05 2.17
C ALA D 8 29.69 6.70 3.41
N LYS D 9 30.36 6.38 4.54
CA LYS D 9 29.73 6.06 5.81
C LYS D 9 29.06 7.32 6.38
N LYS D 10 29.73 8.48 6.27
CA LYS D 10 29.18 9.75 6.72
C LYS D 10 28.03 10.20 5.81
N GLY D 11 28.20 9.98 4.51
CA GLY D 11 27.18 10.31 3.53
C GLY D 11 25.91 9.50 3.71
N ALA D 12 26.04 8.28 4.25
CA ALA D 12 24.87 7.46 4.56
C ALA D 12 24.05 8.13 5.66
N THR D 13 24.72 8.66 6.68
CA THR D 13 24.08 9.36 7.80
C THR D 13 23.41 10.65 7.31
N LEU D 14 24.09 11.36 6.40
CA LEU D 14 23.57 12.58 5.82
C LEU D 14 22.33 12.28 5.01
N PHE D 15 22.36 11.23 4.19
CA PHE D 15 21.20 10.87 3.37
C PHE D 15 20.03 10.46 4.24
N LYS D 16 20.27 9.63 5.25
CA LYS D 16 19.22 9.13 6.11
C LYS D 16 18.56 10.24 6.94
N THR D 17 19.32 11.27 7.31
CA THR D 17 18.79 12.37 8.09
C THR D 17 18.15 13.48 7.28
N ARG D 18 18.65 13.71 6.06
CA ARG D 18 18.14 14.82 5.25
C ARG D 18 17.33 14.44 4.04
N CYS D 19 17.48 13.22 3.52
CA CYS D 19 16.78 12.83 2.29
C CYS D 19 15.82 11.65 2.42
N LEU D 20 16.15 10.67 3.26
CA LEU D 20 15.35 9.44 3.42
C LEU D 20 13.84 9.68 3.66
N GLN D 21 13.47 10.83 4.25
CA GLN D 21 12.06 11.12 4.47
C GLN D 21 11.29 11.26 3.16
N CYS D 22 11.92 11.83 2.12
CA CYS D 22 11.26 12.00 0.84
C CYS D 22 11.78 11.05 -0.26
N HIS D 23 12.95 10.41 -0.07
CA HIS D 23 13.52 9.57 -1.12
C HIS D 23 13.93 8.16 -0.70
N THR D 24 13.91 7.22 -1.67
CA THR D 24 14.37 5.84 -1.48
C THR D 24 15.50 5.57 -2.50
N VAL D 25 16.45 4.67 -2.19
CA VAL D 25 17.58 4.42 -3.09
C VAL D 25 17.62 3.05 -3.75
N GLU D 26 17.02 2.04 -3.11
CA GLU D 26 17.04 0.66 -3.60
C GLU D 26 16.43 0.51 -4.99
N LYS D 27 16.91 -0.49 -5.74
CA LYS D 27 16.41 -0.77 -7.08
C LYS D 27 14.93 -1.14 -7.02
N GLY D 28 14.08 -0.29 -7.58
CA GLY D 28 12.65 -0.51 -7.58
C GLY D 28 11.98 -0.20 -6.26
N GLY D 29 12.43 0.87 -5.62
CA GLY D 29 11.84 1.30 -4.36
C GLY D 29 10.62 2.17 -4.58
N PRO D 30 9.87 2.44 -3.51
CA PRO D 30 8.66 3.26 -3.66
C PRO D 30 8.95 4.75 -3.78
N HIS D 31 8.05 5.47 -4.44
CA HIS D 31 8.17 6.91 -4.58
C HIS D 31 7.51 7.56 -3.39
N LYS D 32 8.28 8.04 -2.41
CA LYS D 32 7.69 8.71 -1.23
C LYS D 32 7.23 10.14 -1.67
N VAL D 33 7.50 11.22 -0.90
CA VAL D 33 7.15 12.58 -1.31
C VAL D 33 7.90 12.93 -2.60
N GLY D 34 9.18 12.54 -2.65
CA GLY D 34 10.06 12.66 -3.81
C GLY D 34 10.20 11.33 -4.52
N PRO D 35 10.82 11.32 -5.71
CA PRO D 35 10.92 10.07 -6.48
C PRO D 35 11.99 9.11 -5.99
N ASN D 36 11.92 7.85 -6.44
CA ASN D 36 12.96 6.88 -6.12
C ASN D 36 14.24 7.32 -6.87
N LEU D 37 15.40 7.25 -6.22
CA LEU D 37 16.63 7.72 -6.82
C LEU D 37 17.53 6.62 -7.38
N HIS D 38 17.03 5.39 -7.60
CA HIS D 38 17.87 4.33 -8.17
C HIS D 38 18.22 4.66 -9.61
N GLY D 39 19.52 4.61 -9.91
CA GLY D 39 20.08 4.89 -11.22
C GLY D 39 20.01 6.35 -11.62
N ILE D 40 19.95 7.26 -10.61
CA ILE D 40 19.86 8.70 -10.84
C ILE D 40 21.07 9.22 -11.60
N PHE D 41 22.27 8.68 -11.29
CA PHE D 41 23.48 9.10 -11.98
C PHE D 41 23.51 8.49 -13.37
N GLY D 42 23.87 9.31 -14.35
CA GLY D 42 23.87 8.88 -15.75
C GLY D 42 22.49 8.89 -16.38
N ARG D 43 21.50 9.54 -15.74
CA ARG D 43 20.13 9.62 -16.23
C ARG D 43 19.69 11.08 -16.27
N HIS D 44 18.84 11.45 -17.25
CA HIS D 44 18.34 12.82 -17.33
C HIS D 44 17.41 13.15 -16.19
N SER D 45 17.30 14.44 -15.85
CA SER D 45 16.45 14.89 -14.78
C SER D 45 14.99 14.82 -15.18
N GLY D 46 14.22 14.04 -14.43
CA GLY D 46 12.81 13.87 -14.70
C GLY D 46 12.47 12.58 -15.43
N GLN D 47 13.41 11.62 -15.47
CA GLN D 47 13.16 10.37 -16.19
C GLN D 47 12.96 9.15 -15.28
N ALA D 48 12.32 9.34 -14.11
CA ALA D 48 12.02 8.20 -13.24
C ALA D 48 10.59 7.78 -13.50
N GLU D 49 10.37 6.50 -13.78
CA GLU D 49 9.04 6.02 -14.10
C GLU D 49 8.13 5.91 -12.88
N GLY D 50 6.92 6.44 -13.05
CA GLY D 50 5.91 6.43 -12.01
C GLY D 50 5.82 7.71 -11.20
N TYR D 51 6.72 8.68 -11.47
CA TYR D 51 6.72 9.93 -10.72
C TYR D 51 6.25 11.12 -11.54
N SER D 52 5.43 11.98 -10.93
CA SER D 52 4.97 13.20 -11.57
C SER D 52 5.90 14.35 -11.21
N TYR D 53 6.85 14.64 -12.08
CA TYR D 53 7.79 15.72 -11.87
C TYR D 53 7.17 17.07 -12.22
N THR D 54 7.77 18.17 -11.74
CA THR D 54 7.30 19.50 -12.10
C THR D 54 7.79 19.84 -13.53
N ASP D 55 7.25 20.93 -14.12
CA ASP D 55 7.68 21.38 -15.44
C ASP D 55 9.16 21.75 -15.41
N ALA D 56 9.60 22.46 -14.38
CA ALA D 56 10.98 22.90 -14.19
C ALA D 56 11.98 21.74 -14.11
N ASN D 57 11.65 20.65 -13.41
CA ASN D 57 12.55 19.52 -13.27
C ASN D 57 12.78 18.79 -14.59
N ILE D 58 11.74 18.66 -15.40
CA ILE D 58 11.89 17.99 -16.69
C ILE D 58 12.56 18.91 -17.69
N LYS D 59 12.21 20.20 -17.68
CA LYS D 59 12.77 21.19 -18.61
C LYS D 59 14.26 21.44 -18.40
N LYS D 60 14.77 21.21 -17.17
CA LYS D 60 16.20 21.37 -16.88
C LYS D 60 17.01 20.37 -17.73
N ASN D 61 16.48 19.13 -17.89
CA ASN D 61 17.08 18.06 -18.69
C ASN D 61 18.58 17.90 -18.44
N VAL D 62 18.98 18.00 -17.19
CA VAL D 62 20.39 17.85 -16.84
C VAL D 62 20.75 16.37 -16.67
N LEU D 63 21.83 15.92 -17.31
CA LEU D 63 22.26 14.53 -17.18
C LEU D 63 23.02 14.49 -15.86
N TRP D 64 22.43 13.87 -14.82
CA TRP D 64 23.04 13.86 -13.50
C TRP D 64 24.42 13.20 -13.43
N ASP D 65 25.31 13.90 -12.75
CA ASP D 65 26.68 13.50 -12.46
C ASP D 65 27.09 14.08 -11.09
N GLU D 66 28.21 13.63 -10.55
CA GLU D 66 28.71 14.08 -9.26
C GLU D 66 28.90 15.59 -9.15
N ASN D 67 29.28 16.27 -10.25
CA ASN D 67 29.50 17.71 -10.24
C ASN D 67 28.23 18.55 -10.22
N ASN D 68 27.28 18.29 -11.13
CA ASN D 68 26.03 19.07 -11.14
C ASN D 68 25.12 18.72 -9.96
N MET D 69 25.27 17.50 -9.38
CA MET D 69 24.53 17.08 -8.19
C MET D 69 24.96 17.93 -7.00
N SER D 70 26.27 18.19 -6.89
CA SER D 70 26.84 19.01 -5.82
C SER D 70 26.29 20.43 -5.91
N GLU D 71 26.18 20.97 -7.13
CA GLU D 71 25.62 22.30 -7.34
C GLU D 71 24.12 22.33 -7.01
N TYR D 72 23.41 21.26 -7.39
CA TYR D 72 21.99 21.11 -7.13
C TYR D 72 21.75 21.05 -5.63
N LEU D 73 22.53 20.24 -4.91
CA LEU D 73 22.33 20.09 -3.48
C LEU D 73 22.78 21.28 -2.65
N THR D 74 23.49 22.25 -3.24
CA THR D 74 23.85 23.45 -2.51
C THR D 74 22.60 24.31 -2.35
N ASN D 75 21.81 24.45 -3.43
CA ASN D 75 20.61 25.25 -3.42
C ASN D 75 19.67 24.71 -4.48
N PRO D 76 18.85 23.71 -4.13
CA PRO D 76 17.95 23.11 -5.13
C PRO D 76 17.05 24.10 -5.87
N LYS D 77 16.54 25.12 -5.17
CA LYS D 77 15.69 26.13 -5.79
C LYS D 77 16.48 27.01 -6.76
N LYS D 78 17.71 27.40 -6.39
CA LYS D 78 18.53 28.23 -7.25
C LYS D 78 18.94 27.48 -8.52
N TYR D 79 19.24 26.18 -8.39
CA TYR D 79 19.64 25.37 -9.52
C TYR D 79 18.49 25.09 -10.47
N ILE D 80 17.36 24.59 -9.96
CA ILE D 80 16.17 24.34 -10.76
C ILE D 80 15.04 25.20 -10.21
N PRO D 81 14.91 26.45 -10.70
CA PRO D 81 13.85 27.33 -10.15
C PRO D 81 12.46 26.80 -10.43
N GLY D 82 11.70 26.63 -9.37
CA GLY D 82 10.35 26.08 -9.45
C GLY D 82 10.26 24.61 -9.13
N THR D 83 11.27 24.07 -8.42
CA THR D 83 11.27 22.66 -8.05
C THR D 83 10.38 22.46 -6.82
N LYS D 84 9.58 21.38 -6.82
CA LYS D 84 8.72 21.10 -5.66
C LYS D 84 9.49 20.49 -4.48
N MET D 85 10.80 20.17 -4.66
CA MET D 85 11.66 19.63 -3.62
C MET D 85 11.88 20.69 -2.55
N ALA D 86 11.30 20.47 -1.36
CA ALA D 86 11.44 21.41 -0.26
C ALA D 86 12.71 21.09 0.52
N PHE D 87 13.82 21.73 0.14
CA PHE D 87 15.12 21.52 0.79
C PHE D 87 16.02 22.73 0.56
N GLY D 88 16.51 23.31 1.66
CA GLY D 88 17.38 24.49 1.60
C GLY D 88 18.70 24.22 0.92
N GLY D 89 19.31 23.11 1.29
CA GLY D 89 20.57 22.68 0.70
C GLY D 89 21.70 22.48 1.69
N LEU D 90 22.52 21.44 1.44
CA LEU D 90 23.72 21.16 2.24
C LEU D 90 24.72 22.22 1.79
N LYS D 91 25.00 23.20 2.66
CA LYS D 91 25.88 24.31 2.29
C LYS D 91 27.36 23.99 2.41
N LYS D 92 27.74 23.00 3.24
CA LYS D 92 29.15 22.63 3.39
C LYS D 92 29.54 21.72 2.22
N GLU D 93 30.69 21.96 1.60
CA GLU D 93 31.14 21.15 0.47
C GLU D 93 31.47 19.73 0.88
N LYS D 94 32.10 19.56 2.05
CA LYS D 94 32.42 18.21 2.55
C LYS D 94 31.14 17.37 2.73
N ASP D 95 30.03 18.01 3.10
CA ASP D 95 28.75 17.33 3.28
C ASP D 95 28.24 16.80 1.96
N ARG D 96 28.26 17.64 0.91
CA ARG D 96 27.82 17.25 -0.42
C ARG D 96 28.71 16.15 -0.96
N ASN D 97 30.03 16.26 -0.76
CA ASN D 97 30.97 15.25 -1.23
C ASN D 97 30.71 13.90 -0.55
N ASP D 98 30.47 13.90 0.77
CA ASP D 98 30.21 12.66 1.49
C ASP D 98 28.89 12.06 1.07
N LEU D 99 27.82 12.88 0.98
CA LEU D 99 26.50 12.43 0.58
C LEU D 99 26.52 11.84 -0.81
N ILE D 100 27.15 12.53 -1.77
CA ILE D 100 27.22 12.06 -3.15
C ILE D 100 28.05 10.79 -3.26
N THR D 101 29.10 10.65 -2.43
CA THR D 101 29.93 9.44 -2.42
C THR D 101 29.09 8.22 -2.05
N TYR D 102 28.21 8.38 -1.07
CA TYR D 102 27.29 7.32 -0.67
C TYR D 102 26.24 7.10 -1.74
N LEU D 103 25.58 8.18 -2.17
CA LEU D 103 24.52 8.15 -3.17
C LEU D 103 24.95 7.49 -4.47
N LYS D 104 26.24 7.59 -4.81
CA LYS D 104 26.76 6.97 -6.01
C LYS D 104 26.68 5.46 -5.91
N LYS D 105 27.12 4.87 -4.77
CA LYS D 105 27.08 3.42 -4.59
C LYS D 105 25.67 2.91 -4.30
N ALA D 106 24.92 3.64 -3.45
CA ALA D 106 23.58 3.26 -3.03
C ALA D 106 22.54 3.28 -4.14
N THR D 107 22.81 3.97 -5.26
CA THR D 107 21.84 4.06 -6.34
C THR D 107 22.25 3.32 -7.61
N GLU D 108 23.49 2.82 -7.70
CA GLU D 108 23.91 2.10 -8.91
C GLU D 108 23.26 0.71 -9.02
#